data_5T83
#
_entry.id   5T83
#
_cell.length_a   49.091
_cell.length_b   49.091
_cell.length_c   246.341
_cell.angle_alpha   90.00
_cell.angle_beta   90.00
_cell.angle_gamma   90.00
#
_symmetry.space_group_name_H-M   'P 43 21 2'
#
loop_
_entity.id
_entity.type
_entity.pdbx_description
1 polymer 'RNA (95-MER)'
2 non-polymer 'STRONTIUM ION'
3 non-polymer 'SPERMINE (FULLY PROTONATED FORM)'
4 non-polymer 'MAGNESIUM ION'
5 non-polymer 'IRIDIUM HEXAMMINE ION'
6 non-polymer GUANIDINE
7 water water
#
_entity_poly.entity_id   1
_entity_poly.type   'polyribonucleotide'
_entity_poly.pdbx_seq_one_letter_code
;GUCUAAAGUUUGCUAGGGUUCCGCGUCAUAGGUGGUCUGGUCCAAGAGCAAACGGCUUUCACAAAGCCACACGGAAGGAU
AAAAGCCUGGGAGAU
;
_entity_poly.pdbx_strand_id   A
#
loop_
_chem_comp.id
_chem_comp.type
_chem_comp.name
_chem_comp.formula
A RNA linking ADENOSINE-5'-MONOPHOSPHATE 'C10 H14 N5 O7 P'
C RNA linking CYTIDINE-5'-MONOPHOSPHATE 'C9 H14 N3 O8 P'
G RNA linking GUANOSINE-5'-MONOPHOSPHATE 'C10 H14 N5 O8 P'
GAI non-polymer GUANIDINE 'C H5 N3'
IRI non-polymer 'IRIDIUM HEXAMMINE ION' 'H18 Ir N6 3'
MG non-polymer 'MAGNESIUM ION' 'Mg 2'
SPK non-polymer 'SPERMINE (FULLY PROTONATED FORM)' 'C10 H30 N4 4'
SR non-polymer 'STRONTIUM ION' 'Sr 2'
U RNA linking URIDINE-5'-MONOPHOSPHATE 'C9 H13 N2 O9 P'
#
# COMPACT_ATOMS: atom_id res chain seq x y z
SR SR B . 6.47 -2.11 -2.55
SR SR C . -12.02 -2.45 -9.75
SR SR D . -8.44 -1.19 5.56
SR SR E . 8.54 3.39 -8.37
SR SR F . -1.57 -7.99 29.12
SR SR G . -21.46 -13.29 2.14
SR SR H . -10.56 -4.87 1.45
SR SR I . -8.41 -7.92 -8.46
SR SR J . -11.83 -7.36 11.80
N1 SPK K . 3.54 -6.31 -15.36
C2 SPK K . 4.02 -4.92 -15.06
C3 SPK K . 2.90 -4.10 -14.41
C4 SPK K . 3.13 -4.01 -12.90
N5 SPK K . 4.02 -2.87 -12.62
C6 SPK K . 4.42 -2.84 -11.20
C7 SPK K . 5.02 -1.46 -10.94
C8 SPK K . 5.80 -1.37 -9.63
C9 SPK K . 6.45 0.01 -9.48
N10 SPK K . 6.63 0.43 -8.06
C11 SPK K . 7.98 0.07 -7.53
C12 SPK K . 8.21 0.50 -6.07
C13 SPK K . 9.32 -0.32 -5.42
N14 SPK K . 8.95 -1.76 -5.22
MG MG L . 13.19 21.97 -33.65
MG MG M . -5.30 -18.08 7.82
IR IRI N . -10.23 -6.08 34.56
N1 IRI N . -10.98 -5.23 32.86
N2 IRI N . -11.47 -4.74 35.53
N3 IRI N . -9.50 -6.93 36.25
N4 IRI N . -9.00 -7.40 33.58
N5 IRI N . -11.73 -7.43 34.82
N6 IRI N . -8.72 -4.74 34.29
IR IRI O . 12.64 17.80 -17.82
N1 IRI O . 11.28 17.99 -19.33
N2 IRI O . 11.94 19.52 -16.94
N3 IRI O . 14.00 17.61 -16.32
N4 IRI O . 13.32 16.11 -18.70
N5 IRI O . 11.26 16.80 -16.70
N6 IRI O . 14.02 18.82 -18.93
IR IRI P . 1.39 3.84 5.59
N1 IRI P . 1.59 4.27 3.60
N2 IRI P . 2.71 5.34 5.98
N3 IRI P . 1.15 3.41 7.58
N4 IRI P . 0.06 2.33 5.17
N5 IRI P . -0.17 5.15 5.66
N6 IRI P . 2.95 2.52 5.53
C GAI Q . -13.88 -10.01 -1.87
N1 GAI Q . -14.62 -9.50 -0.97
N2 GAI Q . -14.06 -9.68 -3.14
N3 GAI Q . -12.93 -10.88 -1.53
#